data_8EQ5
#
_entry.id   8EQ5
#
_cell.length_a   83.438
_cell.length_b   41.105
_cell.length_c   99.258
_cell.angle_alpha   90.00
_cell.angle_beta   113.87
_cell.angle_gamma   90.00
#
_symmetry.space_group_name_H-M   'I 1 2 1'
#
loop_
_entity.id
_entity.type
_entity.pdbx_description
1 polymer 'Ribosomal protein S6 kinase alpha-3'
2 polymer 'Sprouty-related, EVH1 domain-containing protein 2'
3 non-polymer '2-(3,4-dihydroxyphenyl)-5,7-dihydroxy-4-oxo-4H-chromen-3-yl 6-deoxy-alpha-L-mannopyranoside'
4 water water
#
loop_
_entity_poly.entity_id
_entity_poly.type
_entity_poly.pdbx_seq_one_letter_code
_entity_poly.pdbx_strand_id
1 'polypeptide(L)'
;GAMGSIKEIAITHHVKEGHEKADPSQFELLKVLGQGSFGKVFLVKKISGSDARQLYAMKVLKKATLKVRDRVRTKMERDI
LVEVNHPFIVKLHYAFQTEGKLYLILDFLRGGDLFTRLSKEVMFTEEDVKFYLAELALALDHLHSLGIIYRDLKPENILL
DEEGHIKLTDFGLSKESIDHEKKAYSFCGTVEYMAPEVVNRRGHTQSADWWSFGVLMFEMLTGTLPFQGKDRKETMTMIL
KAKLGMPQFLSPEAQSLLRMLFKRNPANRLGAGPDGVEEIKRHSFFSTIDWNKLYRREIHPPFKP
;
A
2 'polypeptide(L)' STIHNEAELGDDDVFTTATDSSSNSSQKRE B
#
loop_
_chem_comp.id
_chem_comp.type
_chem_comp.name
_chem_comp.formula
QCT non-polymer '2-(3,4-dihydroxyphenyl)-5,7-dihydroxy-4-oxo-4H-chromen-3-yl 6-deoxy-alpha-L-mannopyranoside' 'C21 H20 O11'
#
# COMPACT_ATOMS: atom_id res chain seq x y z
N GLU A 8 -15.88 -11.09 -5.27
CA GLU A 8 -14.77 -11.99 -4.99
C GLU A 8 -13.44 -11.23 -5.00
N ILE A 9 -12.38 -11.91 -4.61
CA ILE A 9 -11.09 -11.29 -4.41
C ILE A 9 -10.26 -11.40 -5.67
N ALA A 10 -9.57 -10.32 -6.03
CA ALA A 10 -8.58 -10.29 -7.10
C ALA A 10 -7.22 -9.93 -6.50
N ILE A 11 -6.22 -10.77 -6.74
CA ILE A 11 -4.85 -10.49 -6.32
C ILE A 11 -4.03 -10.05 -7.54
N THR A 12 -3.25 -8.97 -7.38
CA THR A 12 -2.36 -8.50 -8.45
C THR A 12 -0.91 -8.72 -8.03
N HIS A 13 -0.22 -9.58 -8.77
CA HIS A 13 1.17 -9.96 -8.50
C HIS A 13 2.03 -9.17 -9.47
N HIS A 14 2.91 -8.30 -8.95
CA HIS A 14 3.83 -7.56 -9.80
C HIS A 14 5.11 -8.37 -9.89
N VAL A 15 5.31 -9.06 -11.00
CA VAL A 15 6.40 -10.01 -11.11
C VAL A 15 7.68 -9.32 -11.60
N LYS A 16 8.83 -9.81 -11.14
CA LYS A 16 10.10 -9.29 -11.61
C LYS A 16 10.56 -10.03 -12.85
N GLU A 17 11.41 -9.37 -13.64
CA GLU A 17 11.94 -10.01 -14.84
C GLU A 17 12.69 -11.27 -14.47
N GLY A 18 12.37 -12.37 -15.14
CA GLY A 18 12.98 -13.65 -14.80
C GLY A 18 12.38 -14.35 -13.59
N HIS A 19 11.07 -14.22 -13.39
CA HIS A 19 10.40 -14.87 -12.27
C HIS A 19 10.36 -16.38 -12.49
N GLU A 20 10.92 -17.14 -11.54
CA GLU A 20 10.88 -18.60 -11.59
C GLU A 20 9.52 -19.10 -11.11
N LYS A 21 8.60 -19.34 -12.05
CA LYS A 21 7.24 -19.77 -11.74
C LYS A 21 7.25 -21.04 -10.89
N ALA A 22 6.29 -21.16 -9.97
CA ALA A 22 6.28 -22.25 -8.99
C ALA A 22 4.99 -23.08 -9.10
N ASP A 23 4.92 -24.11 -8.26
CA ASP A 23 3.77 -25.00 -8.21
C ASP A 23 3.75 -25.65 -6.82
N PRO A 24 2.65 -26.32 -6.44
CA PRO A 24 2.57 -26.82 -5.05
C PRO A 24 3.68 -27.78 -4.66
N SER A 25 4.25 -28.54 -5.61
CA SER A 25 5.26 -29.54 -5.26
C SER A 25 6.59 -28.93 -4.83
N GLN A 26 6.79 -27.63 -4.99
CA GLN A 26 8.02 -26.96 -4.65
C GLN A 26 8.08 -26.53 -3.18
N PHE A 27 7.09 -26.90 -2.37
CA PHE A 27 6.99 -26.40 -1.00
C PHE A 27 6.76 -27.56 -0.03
N GLU A 28 7.59 -27.63 1.00
CA GLU A 28 7.42 -28.59 2.07
C GLU A 28 6.59 -27.92 3.15
N LEU A 29 5.61 -28.64 3.67
CA LEU A 29 4.65 -28.07 4.61
C LEU A 29 5.11 -28.31 6.05
N LEU A 30 5.19 -27.25 6.85
CA LEU A 30 5.78 -27.33 8.19
C LEU A 30 4.78 -27.14 9.31
N LYS A 31 3.91 -26.14 9.22
CA LYS A 31 2.95 -25.85 10.28
C LYS A 31 1.65 -25.34 9.67
N VAL A 32 0.58 -25.47 10.44
CA VAL A 32 -0.70 -24.83 10.16
C VAL A 32 -1.01 -23.93 11.34
N LEU A 33 -1.26 -22.65 11.06
CA LEU A 33 -1.49 -21.65 12.08
C LEU A 33 -2.86 -21.03 11.91
N GLY A 34 -3.44 -20.59 13.03
CA GLY A 34 -4.52 -19.64 13.01
C GLY A 34 -3.95 -18.28 13.34
N GLN A 35 -4.09 -17.34 12.41
CA GLN A 35 -3.49 -16.02 12.54
C GLN A 35 -4.55 -14.92 12.64
N GLY A 36 -5.66 -15.22 13.29
CA GLY A 36 -6.71 -14.23 13.50
C GLY A 36 -7.28 -13.65 12.21
N SER A 37 -7.01 -12.36 11.99
CA SER A 37 -7.50 -11.68 10.78
C SER A 37 -6.95 -12.32 9.51
N PHE A 38 -5.80 -12.99 9.60
CA PHE A 38 -5.24 -13.64 8.42
C PHE A 38 -5.83 -15.01 8.19
N GLY A 39 -6.63 -15.52 9.13
CA GLY A 39 -7.21 -16.84 8.93
C GLY A 39 -6.17 -17.96 8.94
N LYS A 40 -6.47 -19.01 8.16
CA LYS A 40 -5.65 -20.21 8.12
C LYS A 40 -4.41 -19.94 7.25
N VAL A 41 -3.23 -20.01 7.86
CA VAL A 41 -1.97 -19.76 7.17
C VAL A 41 -1.11 -21.02 7.31
N PHE A 42 -0.52 -21.46 6.20
CA PHE A 42 0.41 -22.57 6.23
C PHE A 42 1.83 -22.03 6.24
N LEU A 43 2.67 -22.56 7.12
CA LEU A 43 4.09 -22.26 7.10
C LEU A 43 4.78 -23.30 6.23
N VAL A 44 5.52 -22.86 5.20
CA VAL A 44 6.10 -23.78 4.24
C VAL A 44 7.56 -23.44 4.00
N LYS A 45 8.31 -24.43 3.50
CA LYS A 45 9.73 -24.32 3.20
C LYS A 45 9.94 -24.56 1.72
N LYS A 46 10.58 -23.61 1.05
CA LYS A 46 10.86 -23.75 -0.37
C LYS A 46 11.87 -24.87 -0.59
N ILE A 47 11.58 -25.76 -1.55
CA ILE A 47 12.43 -26.94 -1.75
C ILE A 47 13.57 -26.66 -2.74
N SER A 48 13.34 -25.90 -3.81
CA SER A 48 14.32 -25.79 -4.87
C SER A 48 14.53 -24.32 -5.25
N GLY A 49 15.47 -24.11 -6.18
CA GLY A 49 15.68 -22.79 -6.74
C GLY A 49 16.53 -21.91 -5.85
N SER A 50 16.58 -20.63 -6.23
CA SER A 50 17.50 -19.71 -5.57
C SER A 50 17.18 -19.53 -4.09
N ASP A 51 15.89 -19.58 -3.72
CA ASP A 51 15.49 -19.39 -2.34
C ASP A 51 15.23 -20.73 -1.64
N ALA A 52 15.87 -21.80 -2.13
CA ALA A 52 15.76 -23.09 -1.47
C ALA A 52 16.04 -22.94 0.02
N ARG A 53 15.24 -23.62 0.84
CA ARG A 53 15.25 -23.66 2.31
C ARG A 53 14.61 -22.43 2.96
N GLN A 54 14.14 -21.45 2.19
CA GLN A 54 13.49 -20.29 2.78
C GLN A 54 12.12 -20.66 3.33
N LEU A 55 11.77 -20.08 4.47
CA LEU A 55 10.46 -20.25 5.09
C LEU A 55 9.50 -19.20 4.57
N TYR A 56 8.24 -19.60 4.33
CA TYR A 56 7.22 -18.67 3.82
C TYR A 56 5.87 -18.93 4.49
N ALA A 57 5.00 -17.92 4.47
CA ALA A 57 3.58 -18.16 4.66
C ALA A 57 2.92 -18.55 3.34
N MET A 58 1.94 -19.46 3.42
CA MET A 58 1.10 -19.86 2.29
C MET A 58 -0.37 -19.60 2.59
N LYS A 59 -1.05 -18.94 1.68
CA LYS A 59 -2.51 -18.83 1.68
C LYS A 59 -3.05 -19.59 0.47
N VAL A 60 -4.13 -20.32 0.68
CA VAL A 60 -4.78 -21.13 -0.35
C VAL A 60 -6.20 -20.58 -0.45
N LEU A 61 -6.48 -19.84 -1.52
CA LEU A 61 -7.77 -19.16 -1.68
C LEU A 61 -8.61 -19.91 -2.69
N LYS A 62 -9.88 -20.16 -2.36
CA LYS A 62 -10.70 -20.94 -3.27
C LYS A 62 -11.52 -20.08 -4.23
N LYS A 63 -11.85 -18.84 -3.88
CA LYS A 63 -12.59 -17.95 -4.79
C LYS A 63 -11.78 -16.67 -4.97
N ALA A 64 -10.74 -16.73 -5.80
CA ALA A 64 -9.89 -15.58 -6.05
C ALA A 64 -9.37 -15.64 -7.48
N THR A 65 -9.27 -14.47 -8.11
CA THR A 65 -8.64 -14.34 -9.42
C THR A 65 -7.21 -13.82 -9.24
N LEU A 66 -6.38 -14.11 -10.23
CA LEU A 66 -4.99 -13.68 -10.24
C LEU A 66 -4.76 -12.80 -11.46
N LYS A 67 -4.18 -11.65 -11.24
CA LYS A 67 -3.72 -10.77 -12.31
C LYS A 67 -2.22 -10.66 -12.19
N VAL A 68 -1.50 -10.80 -13.30
CA VAL A 68 -0.05 -10.68 -13.26
C VAL A 68 0.40 -9.51 -14.12
N ARG A 69 1.20 -8.62 -13.53
CA ARG A 69 1.63 -7.40 -14.19
C ARG A 69 3.15 -7.28 -14.13
N ASP A 70 3.70 -6.68 -15.17
CA ASP A 70 5.13 -6.43 -15.24
C ASP A 70 5.53 -5.24 -14.38
N ARG A 71 6.68 -5.35 -13.74
CA ARG A 71 7.23 -4.17 -13.10
C ARG A 71 7.82 -3.26 -14.16
N VAL A 72 7.92 -1.96 -13.83
CA VAL A 72 8.54 -1.00 -14.74
C VAL A 72 10.05 -1.18 -14.77
N ARG A 73 10.70 -1.14 -13.61
CA ARG A 73 12.14 -1.43 -13.46
C ARG A 73 13.03 -0.74 -14.50
N LEU A 81 19.91 -8.23 -9.67
CA LEU A 81 20.18 -8.16 -8.23
C LEU A 81 19.23 -9.06 -7.43
N VAL A 82 19.79 -9.77 -6.45
CA VAL A 82 18.98 -10.54 -5.52
C VAL A 82 18.24 -9.60 -4.58
N GLU A 83 16.97 -9.90 -4.31
CA GLU A 83 16.14 -8.99 -3.53
C GLU A 83 16.35 -9.19 -2.04
N VAL A 84 16.40 -8.07 -1.31
CA VAL A 84 16.62 -8.03 0.13
C VAL A 84 15.32 -7.64 0.82
N ASN A 85 15.16 -8.10 2.07
CA ASN A 85 13.98 -7.74 2.86
C ASN A 85 14.00 -6.26 3.19
N HIS A 86 12.86 -5.62 3.10
CA HIS A 86 12.70 -4.24 3.54
C HIS A 86 11.94 -4.22 4.86
N PRO A 87 12.28 -3.37 5.82
CA PRO A 87 11.62 -3.44 7.14
C PRO A 87 10.12 -3.19 7.11
N PHE A 88 9.60 -2.50 6.11
CA PHE A 88 8.22 -2.06 6.13
C PHE A 88 7.39 -2.58 4.96
N ILE A 89 7.81 -3.70 4.35
CA ILE A 89 7.11 -4.32 3.23
C ILE A 89 6.99 -5.82 3.48
N VAL A 90 5.82 -6.40 3.17
CA VAL A 90 5.70 -7.85 3.02
C VAL A 90 5.47 -8.16 1.55
N LYS A 91 6.19 -9.15 1.04
CA LYS A 91 6.19 -9.44 -0.39
C LYS A 91 5.35 -10.66 -0.74
N LEU A 92 4.75 -10.62 -1.93
CA LEU A 92 4.20 -11.81 -2.57
C LEU A 92 5.30 -12.42 -3.44
N HIS A 93 5.75 -13.61 -3.06
CA HIS A 93 6.87 -14.18 -3.78
C HIS A 93 6.43 -15.05 -4.95
N TYR A 94 5.35 -15.82 -4.78
CA TYR A 94 4.82 -16.70 -5.79
C TYR A 94 3.30 -16.66 -5.71
N ALA A 95 2.67 -16.84 -6.86
CA ALA A 95 1.21 -16.94 -6.96
C ALA A 95 0.89 -17.82 -8.15
N PHE A 96 0.18 -18.92 -7.90
CA PHE A 96 -0.12 -19.89 -8.94
C PHE A 96 -1.44 -20.56 -8.66
N GLN A 97 -2.08 -21.04 -9.72
CA GLN A 97 -3.44 -21.57 -9.67
C GLN A 97 -3.41 -23.08 -9.93
N THR A 98 -4.29 -23.81 -9.26
CA THR A 98 -4.28 -25.27 -9.38
C THR A 98 -5.62 -25.79 -8.90
N GLU A 99 -6.37 -26.44 -9.79
CA GLU A 99 -7.60 -27.14 -9.45
C GLU A 99 -8.54 -26.26 -8.63
N GLY A 100 -8.87 -25.09 -9.18
CA GLY A 100 -9.78 -24.17 -8.52
C GLY A 100 -9.25 -23.51 -7.27
N LYS A 101 -7.95 -23.53 -7.06
CA LYS A 101 -7.34 -22.91 -5.89
C LYS A 101 -6.24 -21.96 -6.31
N LEU A 102 -6.13 -20.84 -5.61
CA LEU A 102 -5.06 -19.86 -5.81
C LEU A 102 -4.11 -19.92 -4.63
N TYR A 103 -2.85 -20.23 -4.90
CA TYR A 103 -1.83 -20.31 -3.86
C TYR A 103 -1.02 -19.03 -3.83
N LEU A 104 -0.87 -18.44 -2.63
CA LEU A 104 -0.07 -17.25 -2.42
C LEU A 104 1.08 -17.62 -1.50
N ILE A 105 2.31 -17.35 -1.94
CA ILE A 105 3.50 -17.57 -1.11
C ILE A 105 4.03 -16.21 -0.70
N LEU A 106 3.99 -15.93 0.61
CA LEU A 106 4.17 -14.59 1.17
C LEU A 106 5.26 -14.63 2.22
N ASP A 107 5.86 -13.46 2.48
CA ASP A 107 6.65 -13.30 3.70
C ASP A 107 5.83 -13.71 4.92
N PHE A 108 6.39 -14.56 5.76
CA PHE A 108 5.69 -14.94 6.98
C PHE A 108 5.60 -13.73 7.91
N LEU A 109 4.38 -13.44 8.38
CA LEU A 109 4.11 -12.26 9.20
C LEU A 109 3.43 -12.73 10.48
N ARG A 110 4.25 -13.17 11.43
CA ARG A 110 3.72 -13.74 12.66
C ARG A 110 2.95 -12.71 13.48
N GLY A 111 1.73 -13.05 13.86
CA GLY A 111 0.92 -12.14 14.65
C GLY A 111 0.63 -10.81 13.98
N GLY A 112 0.63 -10.77 12.65
CA GLY A 112 0.29 -9.53 11.96
C GLY A 112 -1.19 -9.19 12.06
N ASP A 113 -1.50 -7.92 11.76
CA ASP A 113 -2.89 -7.45 11.82
C ASP A 113 -3.10 -6.37 10.77
N LEU A 114 -4.32 -5.87 10.68
CA LEU A 114 -4.71 -4.92 9.64
C LEU A 114 -4.59 -3.49 10.18
N PHE A 115 -4.10 -2.59 9.34
CA PHE A 115 -4.12 -1.17 9.69
C PHE A 115 -5.54 -0.63 9.85
N THR A 116 -6.49 -1.13 9.04
CA THR A 116 -7.88 -0.67 9.18
C THR A 116 -8.45 -1.01 10.55
N ARG A 117 -7.97 -2.09 11.16
CA ARG A 117 -8.45 -2.44 12.49
C ARG A 117 -7.98 -1.41 13.51
N LEU A 118 -6.72 -0.97 13.39
CA LEU A 118 -6.22 0.08 14.28
C LEU A 118 -6.95 1.39 14.03
N SER A 119 -7.14 1.76 12.75
CA SER A 119 -7.77 3.04 12.42
CA SER A 119 -7.75 3.04 12.44
C SER A 119 -9.17 3.15 12.98
N LYS A 120 -9.89 2.01 13.10
CA LYS A 120 -11.25 2.06 13.66
C LYS A 120 -11.23 2.26 15.16
N GLU A 121 -10.19 1.78 15.84
CA GLU A 121 -10.15 1.80 17.30
C GLU A 121 -9.60 3.09 17.88
N VAL A 122 -8.77 3.84 17.15
CA VAL A 122 -8.01 4.94 17.74
C VAL A 122 -8.34 6.24 17.03
N MET A 123 -8.10 7.35 17.75
CA MET A 123 -8.08 8.69 17.18
C MET A 123 -6.62 9.14 17.02
N PHE A 124 -6.16 9.26 15.77
CA PHE A 124 -4.78 9.64 15.53
C PHE A 124 -4.56 11.12 15.78
N THR A 125 -3.46 11.45 16.46
CA THR A 125 -2.98 12.82 16.55
C THR A 125 -1.95 13.06 15.45
N GLU A 126 -1.55 14.32 15.28
CA GLU A 126 -0.53 14.56 14.26
C GLU A 126 0.75 13.81 14.60
N GLU A 127 1.08 13.70 15.89
CA GLU A 127 2.29 12.99 16.30
C GLU A 127 2.22 11.52 15.89
N ASP A 128 1.04 10.90 16.07
CA ASP A 128 0.83 9.52 15.65
C ASP A 128 1.03 9.37 14.15
N VAL A 129 0.38 10.25 13.39
CA VAL A 129 0.37 10.16 11.93
C VAL A 129 1.79 10.31 11.38
N LYS A 130 2.59 11.20 11.97
CA LYS A 130 3.98 11.34 11.55
C LYS A 130 4.70 10.01 11.56
N PHE A 131 4.48 9.19 12.60
CA PHE A 131 5.16 7.90 12.65
C PHE A 131 4.70 6.97 11.51
N TYR A 132 3.39 6.72 11.39
CA TYR A 132 2.90 5.75 10.40
C TYR A 132 3.18 6.20 8.98
N LEU A 133 3.00 7.48 8.68
CA LEU A 133 3.27 7.97 7.34
C LEU A 133 4.76 7.96 7.01
N ALA A 134 5.63 8.16 8.00
CA ALA A 134 7.05 8.08 7.74
C ALA A 134 7.45 6.67 7.31
N GLU A 135 6.95 5.64 8.01
CA GLU A 135 7.33 4.28 7.64
C GLU A 135 6.73 3.92 6.29
N LEU A 136 5.51 4.38 6.04
CA LEU A 136 4.84 4.15 4.77
C LEU A 136 5.54 4.84 3.61
N ALA A 137 6.08 6.03 3.84
CA ALA A 137 6.81 6.70 2.76
C ALA A 137 8.07 5.92 2.41
N LEU A 138 8.77 5.38 3.41
CA LEU A 138 9.94 4.58 3.09
C LEU A 138 9.53 3.36 2.29
N ALA A 139 8.45 2.70 2.71
CA ALA A 139 7.98 1.50 2.01
C ALA A 139 7.55 1.81 0.59
N LEU A 140 6.75 2.86 0.41
CA LEU A 140 6.21 3.19 -0.91
C LEU A 140 7.32 3.55 -1.87
N ASP A 141 8.30 4.33 -1.42
CA ASP A 141 9.42 4.68 -2.29
C ASP A 141 10.25 3.46 -2.63
N HIS A 142 10.41 2.53 -1.68
CA HIS A 142 11.14 1.31 -2.03
C HIS A 142 10.41 0.54 -3.14
N LEU A 143 9.08 0.47 -3.09
CA LEU A 143 8.35 -0.20 -4.17
C LEU A 143 8.55 0.53 -5.48
N HIS A 144 8.51 1.86 -5.46
CA HIS A 144 8.82 2.62 -6.69
C HIS A 144 10.17 2.22 -7.26
N SER A 145 11.17 2.08 -6.40
CA SER A 145 12.49 1.70 -6.91
C SER A 145 12.49 0.29 -7.48
N LEU A 146 11.58 -0.59 -7.02
CA LEU A 146 11.47 -1.92 -7.59
C LEU A 146 10.62 -1.94 -8.86
N GLY A 147 10.01 -0.81 -9.22
CA GLY A 147 9.21 -0.74 -10.42
C GLY A 147 7.73 -0.99 -10.22
N ILE A 148 7.22 -0.82 -9.00
CA ILE A 148 5.82 -1.08 -8.66
C ILE A 148 5.12 0.24 -8.39
N ILE A 149 4.11 0.55 -9.18
CA ILE A 149 3.28 1.76 -8.98
C ILE A 149 1.90 1.24 -8.54
N TYR A 150 1.38 1.76 -7.44
CA TYR A 150 0.14 1.20 -6.84
C TYR A 150 -1.13 1.66 -7.57
N ARG A 151 -1.21 2.92 -7.96
CA ARG A 151 -2.40 3.50 -8.65
C ARG A 151 -3.53 3.76 -7.65
N ASP A 152 -3.89 2.79 -6.82
CA ASP A 152 -4.96 3.05 -5.83
C ASP A 152 -4.56 2.55 -4.45
N LEU A 153 -3.33 2.88 -4.03
CA LEU A 153 -2.87 2.70 -2.65
C LEU A 153 -3.94 3.11 -1.65
N LYS A 154 -4.24 2.23 -0.71
CA LYS A 154 -5.41 2.40 0.16
C LYS A 154 -5.16 1.66 1.46
N PRO A 155 -5.95 1.94 2.52
CA PRO A 155 -5.69 1.30 3.82
C PRO A 155 -5.71 -0.22 3.78
N GLU A 156 -6.47 -0.83 2.87
CA GLU A 156 -6.49 -2.30 2.75
C GLU A 156 -5.13 -2.87 2.37
N ASN A 157 -4.23 -2.05 1.82
CA ASN A 157 -2.90 -2.53 1.48
C ASN A 157 -1.93 -2.44 2.66
N ILE A 158 -2.36 -1.95 3.82
CA ILE A 158 -1.44 -1.63 4.91
C ILE A 158 -1.70 -2.60 6.05
N LEU A 159 -0.68 -3.37 6.41
CA LEU A 159 -0.72 -4.29 7.54
C LEU A 159 0.18 -3.75 8.64
N LEU A 160 0.13 -4.39 9.80
CA LEU A 160 0.96 -4.05 10.95
C LEU A 160 1.59 -5.34 11.46
N ASP A 161 2.88 -5.29 11.77
CA ASP A 161 3.51 -6.50 12.30
C ASP A 161 3.24 -6.61 13.81
N GLU A 162 3.81 -7.64 14.43
CA GLU A 162 3.47 -7.92 15.82
C GLU A 162 3.95 -6.82 16.77
N GLU A 163 4.94 -6.03 16.35
CA GLU A 163 5.44 -4.93 17.15
CA GLU A 163 5.45 -4.93 17.13
C GLU A 163 4.75 -3.61 16.83
N GLY A 164 3.84 -3.59 15.86
CA GLY A 164 3.09 -2.39 15.54
C GLY A 164 3.63 -1.57 14.39
N HIS A 165 4.66 -2.05 13.69
CA HIS A 165 5.26 -1.33 12.58
C HIS A 165 4.51 -1.59 11.27
N ILE A 166 4.58 -0.62 10.36
CA ILE A 166 3.91 -0.73 9.06
C ILE A 166 4.52 -1.86 8.24
N LYS A 167 3.67 -2.63 7.60
CA LYS A 167 4.04 -3.59 6.57
C LYS A 167 3.12 -3.31 5.38
N LEU A 168 3.64 -2.60 4.38
CA LEU A 168 2.91 -2.36 3.14
C LEU A 168 3.00 -3.62 2.27
N THR A 169 1.85 -4.09 1.76
CA THR A 169 1.88 -5.26 0.88
C THR A 169 2.43 -4.84 -0.48
N ASP A 170 3.31 -5.65 -1.07
CA ASP A 170 3.77 -5.32 -2.42
C ASP A 170 2.86 -5.85 -3.52
N PHE A 171 1.66 -6.30 -3.16
CA PHE A 171 0.75 -6.89 -4.12
C PHE A 171 -0.59 -6.16 -4.04
N GLY A 172 -1.41 -6.34 -5.06
CA GLY A 172 -2.70 -5.68 -5.15
C GLY A 172 -3.81 -6.57 -4.65
N LEU A 173 -4.87 -5.93 -4.15
CA LEU A 173 -6.00 -6.67 -3.63
C LEU A 173 -7.25 -5.85 -3.94
N SER A 174 -8.19 -6.42 -4.67
CA SER A 174 -9.44 -5.75 -4.99
C SER A 174 -10.59 -6.72 -4.77
N LYS A 175 -11.76 -6.16 -4.49
CA LYS A 175 -13.00 -6.93 -4.39
C LYS A 175 -13.80 -6.62 -5.66
N GLU A 176 -13.61 -7.46 -6.68
CA GLU A 176 -14.18 -7.26 -8.01
C GLU A 176 -15.30 -8.25 -8.26
N SER A 177 -16.46 -7.74 -8.68
CA SER A 177 -17.58 -8.59 -9.06
C SER A 177 -17.62 -8.81 -10.57
N HIS A 180 -21.86 -11.42 -14.01
CA HIS A 180 -21.18 -11.70 -15.26
C HIS A 180 -21.51 -10.64 -16.31
N GLU A 181 -22.72 -10.09 -16.23
CA GLU A 181 -23.11 -9.02 -17.13
C GLU A 181 -22.14 -7.84 -17.04
N LYS A 182 -21.50 -7.66 -15.89
CA LYS A 182 -20.47 -6.65 -15.74
C LYS A 182 -19.23 -7.10 -16.51
N LYS A 183 -18.79 -6.28 -17.46
CA LYS A 183 -17.59 -6.58 -18.23
C LYS A 183 -16.36 -6.44 -17.33
N ALA A 184 -15.44 -7.39 -17.44
CA ALA A 184 -14.23 -7.35 -16.61
C ALA A 184 -13.28 -6.25 -17.06
N TYR A 185 -12.46 -5.78 -16.12
CA TYR A 185 -11.45 -4.75 -16.36
C TYR A 185 -10.08 -5.27 -15.95
N SER A 186 -9.04 -4.85 -16.68
CA SER A 186 -7.70 -5.23 -16.28
C SER A 186 -7.26 -4.50 -15.01
N PHE A 187 -7.77 -3.29 -14.77
CA PHE A 187 -7.50 -2.55 -13.54
C PHE A 187 -8.82 -2.07 -12.96
N CYS A 188 -9.17 -2.57 -11.77
CA CYS A 188 -10.33 -2.09 -11.02
C CYS A 188 -9.82 -1.63 -9.67
N GLY A 189 -9.87 -0.33 -9.41
CA GLY A 189 -9.39 0.24 -8.17
C GLY A 189 -10.48 0.97 -7.41
N THR A 190 -10.11 1.41 -6.21
CA THR A 190 -11.00 2.19 -5.36
C THR A 190 -10.85 3.67 -5.68
N VAL A 191 -11.92 4.26 -6.20
CA VAL A 191 -11.81 5.58 -6.79
C VAL A 191 -11.37 6.63 -5.76
N GLU A 192 -11.76 6.46 -4.49
CA GLU A 192 -11.53 7.53 -3.52
C GLU A 192 -10.05 7.82 -3.32
N TYR A 193 -9.18 6.88 -3.68
CA TYR A 193 -7.74 7.03 -3.46
C TYR A 193 -6.96 7.29 -4.74
N MET A 194 -7.65 7.50 -5.86
CA MET A 194 -7.01 7.60 -7.16
C MET A 194 -6.73 9.06 -7.51
N ALA A 195 -5.52 9.34 -7.99
CA ALA A 195 -5.20 10.68 -8.48
C ALA A 195 -6.03 11.04 -9.71
N PRO A 196 -6.17 12.34 -10.01
CA PRO A 196 -6.94 12.72 -11.22
C PRO A 196 -6.46 12.06 -12.50
N GLU A 197 -5.14 12.02 -12.75
CA GLU A 197 -4.64 11.43 -13.99
C GLU A 197 -4.94 9.93 -14.06
N VAL A 198 -5.09 9.27 -12.90
CA VAL A 198 -5.51 7.88 -12.88
C VAL A 198 -7.00 7.77 -13.16
N VAL A 199 -7.80 8.65 -12.55
CA VAL A 199 -9.23 8.72 -12.82
C VAL A 199 -9.46 8.89 -14.33
N ASN A 200 -8.66 9.73 -14.97
CA ASN A 200 -8.82 10.00 -16.39
C ASN A 200 -8.27 8.88 -17.27
N ARG A 201 -7.59 7.90 -16.70
CA ARG A 201 -6.92 6.86 -17.48
C ARG A 201 -6.01 7.48 -18.54
N ARG A 202 -5.27 8.51 -18.11
CA ARG A 202 -4.34 9.22 -18.97
C ARG A 202 -2.90 9.20 -18.48
N GLY A 203 -2.65 8.76 -17.24
CA GLY A 203 -1.30 8.64 -16.71
C GLY A 203 -1.32 7.86 -15.42
N HIS A 204 -0.19 7.24 -15.12
CA HIS A 204 -0.07 6.48 -13.88
C HIS A 204 1.40 6.42 -13.46
N THR A 205 2.07 7.57 -13.45
CA THR A 205 3.45 7.62 -12.97
C THR A 205 3.50 7.48 -11.46
N GLN A 206 4.70 7.30 -10.91
CA GLN A 206 4.83 7.18 -9.47
CA GLN A 206 4.85 7.19 -9.47
C GLN A 206 4.25 8.38 -8.74
N SER A 207 4.13 9.53 -9.40
CA SER A 207 3.57 10.70 -8.73
C SER A 207 2.13 10.47 -8.32
N ALA A 208 1.42 9.58 -9.02
CA ALA A 208 0.04 9.26 -8.66
C ALA A 208 -0.03 8.68 -7.26
N ASP A 209 0.99 7.91 -6.86
CA ASP A 209 0.98 7.29 -5.54
C ASP A 209 1.15 8.32 -4.42
N TRP A 210 1.83 9.44 -4.69
CA TRP A 210 1.98 10.44 -3.63
C TRP A 210 0.68 11.20 -3.42
N TRP A 211 -0.17 11.30 -4.44
CA TRP A 211 -1.52 11.80 -4.20
C TRP A 211 -2.28 10.86 -3.26
N SER A 212 -2.23 9.54 -3.52
CA SER A 212 -2.90 8.57 -2.66
C SER A 212 -2.36 8.63 -1.23
N PHE A 213 -1.04 8.80 -1.09
CA PHE A 213 -0.41 9.04 0.21
C PHE A 213 -1.05 10.23 0.91
N GLY A 214 -1.33 11.31 0.17
CA GLY A 214 -2.05 12.44 0.75
C GLY A 214 -3.48 12.08 1.18
N VAL A 215 -4.19 11.31 0.37
CA VAL A 215 -5.51 10.86 0.80
C VAL A 215 -5.42 10.09 2.10
N LEU A 216 -4.46 9.16 2.19
CA LEU A 216 -4.26 8.39 3.41
C LEU A 216 -4.00 9.32 4.59
N MET A 217 -3.09 10.29 4.41
CA MET A 217 -2.81 11.27 5.45
C MET A 217 -4.07 12.00 5.90
N PHE A 218 -4.84 12.50 4.93
CA PHE A 218 -6.07 13.23 5.25
C PHE A 218 -7.04 12.37 6.05
N GLU A 219 -7.20 11.10 5.65
CA GLU A 219 -8.12 10.19 6.31
C GLU A 219 -7.66 9.85 7.72
N MET A 220 -6.35 9.60 7.91
CA MET A 220 -5.80 9.39 9.25
C MET A 220 -6.05 10.59 10.15
N LEU A 221 -5.87 11.81 9.63
CA LEU A 221 -5.95 13.00 10.49
C LEU A 221 -7.38 13.41 10.78
N THR A 222 -8.30 13.20 9.84
CA THR A 222 -9.67 13.67 10.00
C THR A 222 -10.69 12.56 10.22
N GLY A 223 -10.33 11.30 9.98
CA GLY A 223 -11.30 10.24 9.97
C GLY A 223 -12.28 10.28 8.81
N THR A 224 -12.04 11.10 7.80
CA THR A 224 -12.92 11.21 6.64
C THR A 224 -12.08 11.25 5.38
N LEU A 225 -12.73 10.99 4.26
CA LEU A 225 -12.05 11.05 2.96
C LEU A 225 -12.22 12.44 2.36
N PRO A 226 -11.19 12.96 1.67
CA PRO A 226 -11.30 14.32 1.10
C PRO A 226 -12.29 14.41 -0.04
N PHE A 227 -12.41 13.37 -0.86
CA PHE A 227 -13.31 13.35 -1.99
C PHE A 227 -14.24 12.15 -1.87
N GLN A 228 -15.53 12.41 -1.79
CA GLN A 228 -16.50 11.33 -1.69
C GLN A 228 -17.85 11.86 -2.16
N GLY A 229 -18.48 11.11 -3.07
CA GLY A 229 -19.79 11.45 -3.59
C GLY A 229 -20.78 10.32 -3.36
N LYS A 230 -22.00 10.53 -3.88
CA LYS A 230 -23.03 9.52 -3.71
C LYS A 230 -22.74 8.26 -4.51
N ASP A 231 -21.91 8.36 -5.54
CA ASP A 231 -21.62 7.21 -6.39
C ASP A 231 -20.25 7.41 -7.00
N ARG A 232 -19.79 6.37 -7.71
CA ARG A 232 -18.45 6.40 -8.25
C ARG A 232 -18.30 7.51 -9.30
N LYS A 233 -19.41 7.89 -9.94
CA LYS A 233 -19.37 8.97 -10.92
C LYS A 233 -19.18 10.33 -10.25
N GLU A 234 -19.88 10.57 -9.14
CA GLU A 234 -19.72 11.86 -8.47
C GLU A 234 -18.37 11.97 -7.79
N THR A 235 -17.83 10.86 -7.32
CA THR A 235 -16.51 10.93 -6.70
C THR A 235 -15.45 11.30 -7.74
N MET A 236 -15.56 10.73 -8.95
CA MET A 236 -14.63 11.08 -10.01
C MET A 236 -14.67 12.58 -10.27
N THR A 237 -15.87 13.12 -10.41
CA THR A 237 -16.04 14.55 -10.69
C THR A 237 -15.36 15.39 -9.63
N MET A 238 -15.51 15.01 -8.38
CA MET A 238 -14.90 15.77 -7.29
C MET A 238 -13.38 15.70 -7.35
N ILE A 239 -12.82 14.50 -7.56
CA ILE A 239 -11.38 14.38 -7.67
C ILE A 239 -10.84 15.32 -8.75
N LEU A 240 -11.55 15.45 -9.87
CA LEU A 240 -11.09 16.27 -10.99
C LEU A 240 -11.34 17.77 -10.79
N LYS A 241 -12.40 18.16 -10.08
CA LYS A 241 -12.85 19.56 -10.11
C LYS A 241 -13.15 20.19 -8.76
N ALA A 242 -13.30 19.44 -7.67
CA ALA A 242 -13.74 20.03 -6.41
C ALA A 242 -12.68 20.93 -5.80
N LYS A 243 -13.13 22.04 -5.21
CA LYS A 243 -12.29 22.88 -4.34
C LYS A 243 -12.61 22.50 -2.90
N LEU A 244 -11.59 22.03 -2.18
CA LEU A 244 -11.78 21.49 -0.85
C LEU A 244 -11.44 22.50 0.24
N GLY A 245 -12.27 22.56 1.27
CA GLY A 245 -11.93 23.30 2.48
C GLY A 245 -10.87 22.55 3.29
N MET A 246 -9.77 23.20 3.60
CA MET A 246 -8.71 22.59 4.39
C MET A 246 -9.15 22.66 5.85
N PRO A 247 -9.18 21.55 6.58
CA PRO A 247 -9.59 21.61 7.99
C PRO A 247 -8.65 22.49 8.82
N GLN A 248 -9.24 23.46 9.51
CA GLN A 248 -8.46 24.48 10.18
C GLN A 248 -7.86 24.02 11.51
N PHE A 249 -8.32 22.90 12.08
CA PHE A 249 -7.67 22.44 13.30
C PHE A 249 -6.29 21.85 13.05
N LEU A 250 -5.92 21.62 11.79
CA LEU A 250 -4.63 21.02 11.46
C LEU A 250 -3.52 22.04 11.65
N SER A 251 -2.34 21.54 12.00
CA SER A 251 -1.21 22.42 12.19
C SER A 251 -0.82 23.07 10.87
N PRO A 252 -0.12 24.21 10.90
CA PRO A 252 0.38 24.77 9.63
C PRO A 252 1.22 23.79 8.83
N GLU A 253 2.02 22.98 9.50
CA GLU A 253 2.85 22.00 8.81
C GLU A 253 2.02 20.91 8.13
N ALA A 254 1.01 20.37 8.84
CA ALA A 254 0.15 19.38 8.22
C ALA A 254 -0.60 19.96 7.02
N GLN A 255 -1.12 21.20 7.15
CA GLN A 255 -1.82 21.82 6.04
C GLN A 255 -0.92 22.01 4.84
N SER A 256 0.33 22.45 5.07
CA SER A 256 1.29 22.63 3.99
C SER A 256 1.53 21.34 3.23
N LEU A 257 1.71 20.23 3.95
CA LEU A 257 2.01 18.96 3.27
C LEU A 257 0.84 18.51 2.42
N LEU A 258 -0.37 18.60 2.97
CA LEU A 258 -1.56 18.23 2.22
C LEU A 258 -1.72 19.09 0.97
N ARG A 259 -1.52 20.40 1.09
CA ARG A 259 -1.60 21.28 -0.08
C ARG A 259 -0.59 20.89 -1.16
N MET A 260 0.62 20.52 -0.74
CA MET A 260 1.68 20.19 -1.69
C MET A 260 1.50 18.81 -2.33
N LEU A 261 0.84 17.88 -1.63
CA LEU A 261 0.50 16.58 -2.21
C LEU A 261 -0.72 16.64 -3.10
N PHE A 262 -1.66 17.51 -2.78
CA PHE A 262 -2.92 17.58 -3.52
C PHE A 262 -2.84 18.63 -4.63
N LYS A 263 -1.89 18.42 -5.53
CA LYS A 263 -1.77 19.20 -6.75
C LYS A 263 -2.29 18.33 -7.89
N ARG A 264 -3.20 18.88 -8.69
CA ARG A 264 -3.83 18.07 -9.72
C ARG A 264 -2.88 17.76 -10.85
N ASN A 265 -1.95 18.66 -11.15
CA ASN A 265 -0.92 18.42 -12.15
C ASN A 265 0.15 17.55 -11.52
N PRO A 266 0.33 16.31 -11.99
CA PRO A 266 1.29 15.42 -11.32
C PRO A 266 2.70 15.97 -11.31
N ALA A 267 3.08 16.76 -12.31
CA ALA A 267 4.42 17.36 -12.34
C ALA A 267 4.64 18.36 -11.20
N ASN A 268 3.60 18.94 -10.64
CA ASN A 268 3.72 19.95 -9.59
C ASN A 268 3.61 19.36 -8.19
N ARG A 269 3.42 18.06 -8.08
CA ARG A 269 3.15 17.40 -6.81
C ARG A 269 4.44 17.15 -6.03
N LEU A 270 4.38 17.27 -4.70
CA LEU A 270 5.49 16.88 -3.86
C LEU A 270 5.81 15.40 -4.03
N GLY A 271 7.08 15.09 -4.22
CA GLY A 271 7.48 13.74 -4.49
C GLY A 271 7.68 13.44 -5.96
N ALA A 272 7.32 14.37 -6.84
CA ALA A 272 7.41 14.13 -8.27
C ALA A 272 8.68 14.68 -8.90
N GLY A 273 9.46 15.46 -8.16
CA GLY A 273 10.69 15.99 -8.68
C GLY A 273 11.79 14.96 -8.67
N PRO A 274 12.98 15.39 -9.09
CA PRO A 274 14.07 14.41 -9.24
C PRO A 274 14.45 13.75 -7.93
N ASP A 275 14.34 14.46 -6.81
CA ASP A 275 14.73 13.85 -5.55
C ASP A 275 13.63 12.99 -4.95
N GLY A 276 12.49 12.89 -5.63
CA GLY A 276 11.44 11.98 -5.21
C GLY A 276 11.04 12.06 -3.76
N VAL A 277 11.14 10.93 -3.05
CA VAL A 277 10.60 10.87 -1.71
C VAL A 277 11.37 11.79 -0.78
N GLU A 278 12.58 12.23 -1.16
CA GLU A 278 13.31 13.14 -0.27
C GLU A 278 12.58 14.46 -0.13
N GLU A 279 11.84 14.90 -1.16
CA GLU A 279 11.03 16.10 -1.04
C GLU A 279 10.02 15.98 0.09
N ILE A 280 9.52 14.77 0.33
CA ILE A 280 8.58 14.55 1.42
C ILE A 280 9.33 14.43 2.73
N LYS A 281 10.46 13.72 2.74
CA LYS A 281 11.20 13.54 4.00
C LYS A 281 11.75 14.86 4.54
N ARG A 282 11.98 15.82 3.66
CA ARG A 282 12.49 17.12 4.06
C ARG A 282 11.39 18.08 4.51
N HIS A 283 10.13 17.73 4.31
CA HIS A 283 9.06 18.65 4.64
C HIS A 283 8.97 18.88 6.14
N SER A 284 8.58 20.11 6.52
CA SER A 284 8.54 20.46 7.95
C SER A 284 7.65 19.53 8.76
N PHE A 285 6.63 18.91 8.15
CA PHE A 285 5.77 18.01 8.92
C PHE A 285 6.57 16.86 9.51
N PHE A 286 7.60 16.39 8.82
CA PHE A 286 8.40 15.27 9.29
C PHE A 286 9.67 15.69 9.98
N SER A 287 9.78 16.95 10.39
CA SER A 287 11.06 17.48 10.88
C SER A 287 11.58 16.73 12.10
N THR A 288 10.71 16.11 12.90
CA THR A 288 11.15 15.38 14.09
C THR A 288 11.59 13.94 13.80
N ILE A 289 11.40 13.45 12.59
CA ILE A 289 11.69 12.05 12.27
C ILE A 289 13.18 11.87 12.02
N ASP A 290 13.79 10.87 12.67
CA ASP A 290 15.15 10.41 12.38
C ASP A 290 15.00 9.23 11.44
N TRP A 291 15.24 9.46 10.14
CA TRP A 291 14.90 8.47 9.12
C TRP A 291 15.80 7.24 9.20
N ASN A 292 17.03 7.40 9.71
CA ASN A 292 17.89 6.24 9.85
C ASN A 292 17.45 5.39 11.02
N LYS A 293 17.18 6.03 12.16
CA LYS A 293 16.64 5.30 13.31
C LYS A 293 15.34 4.61 12.94
N LEU A 294 14.49 5.29 12.17
CA LEU A 294 13.23 4.70 11.72
C LEU A 294 13.46 3.43 10.90
N TYR A 295 14.34 3.50 9.91
CA TYR A 295 14.63 2.34 9.06
C TYR A 295 15.16 1.15 9.87
N ARG A 296 15.92 1.40 10.93
CA ARG A 296 16.45 0.36 11.81
C ARG A 296 15.43 -0.18 12.79
N ARG A 297 14.17 0.26 12.71
CA ARG A 297 13.08 -0.18 13.59
C ARG A 297 13.39 0.13 15.06
N GLU A 298 14.04 1.27 15.29
CA GLU A 298 14.44 1.72 16.62
C GLU A 298 13.50 2.76 17.20
N ILE A 299 12.44 3.13 16.49
CA ILE A 299 11.44 4.07 17.00
C ILE A 299 10.16 3.28 17.27
N HIS A 300 9.61 3.42 18.49
CA HIS A 300 8.47 2.59 18.90
C HIS A 300 7.17 3.17 18.35
N PRO A 301 6.25 2.31 17.88
CA PRO A 301 4.99 2.82 17.30
C PRO A 301 4.10 3.42 18.37
N PRO A 302 3.22 4.34 18.00
CA PRO A 302 2.30 4.93 18.98
C PRO A 302 1.38 3.91 19.64
N PHE A 303 1.01 2.85 18.93
CA PHE A 303 0.13 1.81 19.48
C PHE A 303 0.79 0.45 19.28
N LYS A 304 0.78 -0.38 20.32
CA LYS A 304 1.32 -1.73 20.28
C LYS A 304 0.15 -2.70 20.20
N PRO A 305 0.11 -3.59 19.19
CA PRO A 305 -1.01 -4.50 18.95
C PRO A 305 -1.43 -5.31 20.17
N ASP B 11 -8.78 23.26 -11.27
CA ASP B 11 -7.74 24.00 -10.54
C ASP B 11 -6.62 23.08 -10.05
N ASP B 12 -5.37 23.49 -10.30
CA ASP B 12 -4.24 22.70 -9.83
C ASP B 12 -4.23 22.63 -8.31
N ASP B 13 -4.53 23.74 -7.64
CA ASP B 13 -4.64 23.75 -6.18
C ASP B 13 -6.00 23.21 -5.78
N VAL B 14 -5.99 22.12 -5.01
CA VAL B 14 -7.24 21.51 -4.57
C VAL B 14 -7.85 22.28 -3.40
N PHE B 15 -7.03 22.77 -2.46
CA PHE B 15 -7.53 23.40 -1.24
C PHE B 15 -7.51 24.92 -1.36
N THR B 16 -7.84 25.59 -0.25
CA THR B 16 -8.01 27.04 -0.18
C THR B 16 -9.12 27.48 -1.10
O10 QCT C . -8.74 -12.48 3.84
C23 QCT C . -7.34 -12.35 3.75
C22 QCT C . -6.61 -13.31 4.67
O9 QCT C . -7.18 -14.59 4.50
C24 QCT C . -6.96 -12.59 2.29
O11 QCT C . -7.51 -11.58 1.48
C25 QCT C . -5.45 -12.47 2.13
C26 QCT C . -4.97 -12.76 0.72
O8 QCT C . -4.85 -13.44 2.97
C21 QCT C . -5.11 -13.36 4.32
O7 QCT C . -4.50 -12.25 4.97
C3 QCT C . -3.19 -12.01 4.70
C4 QCT C . -2.20 -13.00 5.10
O2 QCT C . -2.50 -14.12 5.57
C2 QCT C . -2.81 -10.80 4.23
C11 QCT C . -3.70 -9.65 3.95
C12 QCT C . -4.99 -9.51 4.51
C13 QCT C . -5.78 -8.42 4.22
O5 QCT C . -7.04 -8.20 4.70
C14 QCT C . -5.32 -7.40 3.39
O6 QCT C . -6.08 -6.33 3.12
C15 QCT C . -4.04 -7.52 2.84
C16 QCT C . -3.25 -8.63 3.12
O1 QCT C . -1.51 -10.51 4.01
C9 QCT C . -0.51 -11.35 4.36
C8 QCT C . 0.79 -10.92 4.14
C7 QCT C . 1.81 -11.80 4.51
O4 QCT C . 3.05 -11.37 4.30
C6 QCT C . 1.55 -13.06 5.07
C5 QCT C . 0.24 -13.46 5.26
C10 QCT C . -0.83 -12.60 4.91
O3 QCT C . -0.04 -14.65 5.79
#